data_5JJO
#
_entry.id   5JJO
#
_cell.length_a   62.681
_cell.length_b   62.681
_cell.length_c   159.601
_cell.angle_alpha   90.00
_cell.angle_beta   90.00
_cell.angle_gamma   90.00
#
_symmetry.space_group_name_H-M   'P 41 21 2'
#
loop_
_entity.id
_entity.type
_entity.pdbx_description
1 polymer 'Uncharacterized protein'
2 non-polymer 'GOLD ION'
3 water water
#
_entity_poly.entity_id   1
_entity_poly.type   'polypeptide(L)'
_entity_poly.pdbx_seq_one_letter_code
;SAELRPFICVNEKDHLPSLDPQADAWYREAVALAKPDTLRPWDRIVDLYSKAVERGHWKAMHNLASLYRTGWPGGVEKDT
QKALDLYQKMIDLKVPQGFYDMAAMIGNRAGVKNPATDGLTFLDKAASLGNPPALTELGRLYIYVAGQDELGLKYTNCAA
GQGYAPANYELAMYYRLVAHNYPKAAGYYLLAASQGNDDAAFFMSGVFDKTSPDVDRMWYAPDEKLHKLYDGIYDQLAAD
PDLRFPNLIKDHPLPPHPTQGYDADRPDWKPGQ
;
_entity_poly.pdbx_strand_id   A
#
# COMPACT_ATOMS: atom_id res chain seq x y z
N LEU A 4 2.40 -10.40 -17.95
CA LEU A 4 1.30 -11.13 -17.34
C LEU A 4 0.10 -11.29 -18.26
N ARG A 5 0.17 -12.22 -19.20
CA ARG A 5 -0.96 -12.47 -20.10
C ARG A 5 -1.32 -13.94 -20.14
N PRO A 6 -2.59 -14.28 -19.85
CA PRO A 6 -3.67 -13.36 -19.44
C PRO A 6 -3.44 -12.86 -18.01
N PHE A 7 -4.11 -11.79 -17.59
CA PHE A 7 -3.91 -11.34 -16.23
C PHE A 7 -4.62 -12.29 -15.30
N ILE A 8 -3.87 -12.86 -14.38
CA ILE A 8 -4.45 -13.75 -13.41
C ILE A 8 -4.16 -13.25 -12.00
N CYS A 9 -5.23 -12.95 -11.25
CA CYS A 9 -5.08 -12.42 -9.89
C CYS A 9 -4.90 -13.56 -8.90
N VAL A 10 -3.78 -13.54 -8.19
CA VAL A 10 -3.54 -14.51 -7.12
C VAL A 10 -3.28 -13.78 -5.81
N ASN A 11 -3.49 -14.48 -4.70
CA ASN A 11 -3.21 -13.93 -3.38
C ASN A 11 -1.72 -14.15 -3.06
N GLU A 12 -1.04 -13.08 -2.68
CA GLU A 12 0.40 -13.16 -2.39
C GLU A 12 0.73 -14.18 -1.32
N LYS A 13 -0.21 -14.39 -0.40
CA LYS A 13 0.00 -15.26 0.75
C LYS A 13 0.25 -16.71 0.29
N ASP A 14 -0.29 -17.06 -0.87
CA ASP A 14 -0.13 -18.42 -1.36
C ASP A 14 1.25 -18.62 -2.00
N HIS A 15 2.05 -17.56 -2.06
CA HIS A 15 3.36 -17.62 -2.69
C HIS A 15 4.49 -17.14 -1.76
N LEU A 16 4.30 -17.25 -0.45
CA LEU A 16 5.34 -16.86 0.50
C LEU A 16 6.01 -18.05 1.17
N PRO A 17 7.32 -17.96 1.41
CA PRO A 17 8.04 -18.97 2.21
C PRO A 17 7.52 -18.96 3.64
N SER A 18 7.47 -20.11 4.31
CA SER A 18 7.11 -20.10 5.72
C SER A 18 8.24 -19.44 6.50
N LEU A 19 7.90 -18.82 7.64
CA LEU A 19 8.88 -18.09 8.42
C LEU A 19 9.35 -18.94 9.59
N ASP A 20 10.67 -18.99 9.80
CA ASP A 20 11.23 -19.73 10.92
C ASP A 20 10.89 -19.03 12.23
N PRO A 21 10.35 -19.78 13.21
CA PRO A 21 9.82 -19.22 14.47
C PRO A 21 10.83 -18.40 15.28
N GLN A 22 12.05 -18.91 15.41
CA GLN A 22 13.10 -18.14 16.09
C GLN A 22 13.39 -16.85 15.32
N ALA A 23 13.58 -17.00 14.01
CA ALA A 23 13.82 -15.87 13.12
C ALA A 23 12.74 -14.83 13.26
N ASP A 24 11.49 -15.27 13.28
CA ASP A 24 10.39 -14.32 13.34
C ASP A 24 10.35 -13.65 14.70
N ALA A 25 10.75 -14.37 15.75
CA ALA A 25 10.87 -13.74 17.06
C ALA A 25 11.88 -12.60 17.01
N TRP A 26 13.03 -12.87 16.42
CA TRP A 26 14.07 -11.84 16.29
C TRP A 26 13.58 -10.65 15.47
N TYR A 27 12.91 -10.95 14.35
CA TYR A 27 12.36 -9.92 13.46
C TYR A 27 11.35 -9.03 14.18
N ARG A 28 10.41 -9.64 14.89
CA ARG A 28 9.42 -8.89 15.63
C ARG A 28 10.06 -8.00 16.69
N GLU A 29 11.09 -8.51 17.35
CA GLU A 29 11.75 -7.69 18.36
C GLU A 29 12.47 -6.49 17.71
N ALA A 30 13.13 -6.73 16.58
CA ALA A 30 13.78 -5.63 15.88
C ALA A 30 12.77 -4.59 15.39
N VAL A 31 11.65 -5.06 14.84
CA VAL A 31 10.60 -4.16 14.34
C VAL A 31 10.11 -3.27 15.49
N ALA A 32 9.89 -3.87 16.66
CA ALA A 32 9.45 -3.08 17.80
C ALA A 32 10.51 -2.07 18.22
N LEU A 33 11.78 -2.48 18.22
CA LEU A 33 12.86 -1.57 18.62
C LEU A 33 13.10 -0.45 17.63
N ALA A 34 12.68 -0.65 16.38
CA ALA A 34 13.02 0.28 15.30
C ALA A 34 11.92 1.29 15.00
N LYS A 35 10.84 1.27 15.78
CA LYS A 35 9.75 2.26 15.62
C LYS A 35 10.35 3.67 15.63
N PRO A 36 10.05 4.45 14.58
CA PRO A 36 10.68 5.76 14.37
C PRO A 36 10.30 6.80 15.43
N ASP A 37 9.23 6.57 16.18
CA ASP A 37 8.83 7.53 17.21
C ASP A 37 9.39 7.11 18.57
N THR A 38 10.45 6.31 18.56
CA THR A 38 11.11 5.91 19.80
C THR A 38 12.62 6.12 19.65
N LEU A 39 13.34 6.15 20.77
CA LEU A 39 14.79 6.34 20.70
C LEU A 39 15.45 5.02 20.32
N ARG A 40 15.86 4.89 19.06
CA ARG A 40 16.22 3.60 18.50
C ARG A 40 17.67 3.18 18.75
N PRO A 41 17.87 1.98 19.31
CA PRO A 41 19.19 1.35 19.53
C PRO A 41 19.68 0.63 18.28
N TRP A 42 20.27 1.38 17.36
CA TRP A 42 20.59 0.87 16.02
C TRP A 42 21.42 -0.42 15.97
N ASP A 43 22.43 -0.56 16.83
CA ASP A 43 23.25 -1.76 16.82
C ASP A 43 22.45 -3.03 17.13
N ARG A 44 21.58 -2.95 18.12
CA ARG A 44 20.70 -4.08 18.46
C ARG A 44 19.74 -4.40 17.32
N ILE A 45 19.19 -3.35 16.70
CA ILE A 45 18.25 -3.53 15.60
C ILE A 45 18.92 -4.26 14.42
N VAL A 46 20.09 -3.79 14.03
CA VAL A 46 20.81 -4.42 12.92
C VAL A 46 21.19 -5.86 13.26
N ASP A 47 21.62 -6.07 14.50
CA ASP A 47 21.96 -7.42 14.95
C ASP A 47 20.79 -8.40 14.85
N LEU A 48 19.63 -7.99 15.33
CA LEU A 48 18.46 -8.84 15.32
C LEU A 48 18.01 -9.15 13.89
N TYR A 49 17.95 -8.10 13.05
CA TYR A 49 17.59 -8.31 11.64
C TYR A 49 18.56 -9.29 10.98
N SER A 50 19.85 -9.14 11.27
CA SER A 50 20.89 -9.97 10.67
C SER A 50 20.75 -11.44 11.10
N LYS A 51 20.53 -11.67 12.40
CA LYS A 51 20.29 -13.03 12.86
C LYS A 51 19.08 -13.64 12.17
N ALA A 52 18.01 -12.85 11.99
CA ALA A 52 16.82 -13.38 11.33
C ALA A 52 17.08 -13.69 9.84
N VAL A 53 17.84 -12.82 9.18
CA VAL A 53 18.22 -13.01 7.79
C VAL A 53 19.00 -14.31 7.61
N GLU A 54 19.93 -14.59 8.53
CA GLU A 54 20.73 -15.82 8.45
C GLU A 54 19.85 -17.09 8.47
N ARG A 55 18.66 -17.00 9.06
CA ARG A 55 17.73 -18.11 9.09
C ARG A 55 16.60 -17.91 8.08
N GLY A 56 16.87 -17.11 7.05
CA GLY A 56 15.99 -17.03 5.86
C GLY A 56 14.73 -16.19 5.93
N HIS A 57 14.62 -15.33 6.93
CA HIS A 57 13.44 -14.50 7.14
C HIS A 57 13.36 -13.35 6.10
N TRP A 58 12.40 -13.42 5.18
CA TRP A 58 12.39 -12.46 4.06
C TRP A 58 11.94 -11.03 4.44
N LYS A 59 11.08 -10.92 5.46
CA LYS A 59 10.70 -9.60 5.96
C LYS A 59 11.91 -8.89 6.61
N ALA A 60 12.73 -9.63 7.33
CA ALA A 60 13.98 -9.07 7.89
C ALA A 60 14.94 -8.63 6.78
N MET A 61 15.05 -9.43 5.72
CA MET A 61 15.82 -9.04 4.53
C MET A 61 15.34 -7.71 3.99
N HIS A 62 14.03 -7.58 3.85
CA HIS A 62 13.44 -6.35 3.37
C HIS A 62 13.78 -5.12 4.25
N ASN A 63 13.54 -5.24 5.56
CA ASN A 63 13.75 -4.10 6.47
C ASN A 63 15.22 -3.72 6.58
N LEU A 64 16.06 -4.74 6.67
CA LEU A 64 17.50 -4.51 6.79
C LEU A 64 18.03 -3.86 5.52
N ALA A 65 17.54 -4.33 4.37
CA ALA A 65 17.94 -3.72 3.11
C ALA A 65 17.55 -2.25 3.09
N SER A 66 16.37 -1.93 3.61
CA SER A 66 15.97 -0.54 3.68
C SER A 66 16.97 0.29 4.51
N LEU A 67 17.35 -0.27 5.65
CA LEU A 67 18.29 0.43 6.51
C LEU A 67 19.64 0.67 5.81
N TYR A 68 20.11 -0.32 5.05
CA TYR A 68 21.33 -0.16 4.27
C TYR A 68 21.19 0.86 3.13
N ARG A 69 20.00 0.95 2.55
CA ARG A 69 19.77 1.90 1.48
C ARG A 69 19.87 3.32 2.00
N THR A 70 19.39 3.55 3.22
CA THR A 70 19.46 4.91 3.75
C THR A 70 20.66 5.16 4.67
N GLY A 71 21.18 4.12 5.31
CA GLY A 71 22.16 4.31 6.36
C GLY A 71 21.46 4.83 7.60
N TRP A 72 22.21 5.17 8.63
CA TRP A 72 21.64 5.67 9.88
C TRP A 72 22.64 6.46 10.71
N LYS A 78 25.11 4.19 4.74
CA LYS A 78 24.60 3.72 3.45
C LYS A 78 25.49 2.61 2.90
N ASP A 79 24.87 1.51 2.48
CA ASP A 79 25.59 0.41 1.84
C ASP A 79 24.74 -0.20 0.72
N THR A 80 24.83 0.43 -0.45
CA THR A 80 24.07 0.05 -1.62
C THR A 80 24.16 -1.45 -1.93
N GLN A 81 25.38 -1.97 -1.94
CA GLN A 81 25.58 -3.37 -2.34
C GLN A 81 24.97 -4.36 -1.36
N LYS A 82 25.00 -4.05 -0.06
CA LYS A 82 24.40 -4.94 0.91
C LYS A 82 22.88 -5.01 0.72
N ALA A 83 22.29 -3.87 0.37
CA ALA A 83 20.85 -3.86 0.09
C ALA A 83 20.58 -4.74 -1.12
N LEU A 84 21.34 -4.50 -2.19
CA LEU A 84 21.16 -5.27 -3.42
C LEU A 84 21.29 -6.78 -3.19
N ASP A 85 22.26 -7.14 -2.35
CA ASP A 85 22.50 -8.53 -2.02
C ASP A 85 21.31 -9.14 -1.27
N LEU A 86 20.70 -8.33 -0.40
CA LEU A 86 19.54 -8.84 0.32
C LEU A 86 18.36 -9.04 -0.62
N TYR A 87 18.14 -8.07 -1.51
CA TYR A 87 17.05 -8.21 -2.49
C TYR A 87 17.26 -9.44 -3.34
N GLN A 88 18.52 -9.70 -3.71
CA GLN A 88 18.85 -10.91 -4.47
C GLN A 88 18.56 -12.18 -3.66
N LYS A 89 18.82 -12.16 -2.35
CA LYS A 89 18.45 -13.31 -1.50
C LYS A 89 16.93 -13.57 -1.51
N MET A 90 16.17 -12.48 -1.43
CA MET A 90 14.71 -12.58 -1.45
C MET A 90 14.25 -13.17 -2.80
N ILE A 91 14.80 -12.65 -3.88
CA ILE A 91 14.50 -13.15 -5.23
C ILE A 91 14.86 -14.64 -5.37
N ASP A 92 16.00 -15.03 -4.79
CA ASP A 92 16.44 -16.42 -4.73
C ASP A 92 15.42 -17.30 -4.03
N LEU A 93 14.69 -16.74 -3.06
CA LEU A 93 13.62 -17.50 -2.42
C LEU A 93 12.24 -17.31 -3.09
N LYS A 94 12.23 -16.69 -4.28
CA LYS A 94 11.01 -16.40 -5.02
C LYS A 94 10.00 -15.59 -4.18
N VAL A 95 10.50 -14.70 -3.32
CA VAL A 95 9.64 -13.79 -2.54
C VAL A 95 9.12 -12.67 -3.45
N PRO A 96 7.79 -12.55 -3.59
CA PRO A 96 7.24 -11.56 -4.55
C PRO A 96 7.76 -10.12 -4.29
N GLN A 97 7.85 -9.79 -3.00
CA GLN A 97 8.32 -8.46 -2.58
C GLN A 97 9.76 -8.23 -3.03
N GLY A 98 10.54 -9.29 -3.16
CA GLY A 98 11.92 -9.13 -3.60
C GLY A 98 12.00 -8.57 -5.00
N PHE A 99 11.16 -9.10 -5.91
CA PHE A 99 11.11 -8.58 -7.27
C PHE A 99 10.64 -7.14 -7.26
N TYR A 100 9.59 -6.84 -6.49
CA TYR A 100 9.19 -5.43 -6.37
C TYR A 100 10.35 -4.53 -5.90
N ASP A 101 11.07 -4.95 -4.86
CA ASP A 101 12.12 -4.12 -4.29
C ASP A 101 13.25 -3.88 -5.30
N MET A 102 13.56 -4.91 -6.07
CA MET A 102 14.63 -4.76 -7.06
C MET A 102 14.15 -3.77 -8.13
N ALA A 103 12.89 -3.87 -8.55
CA ALA A 103 12.34 -2.89 -9.50
C ALA A 103 12.45 -1.48 -8.94
N ALA A 104 11.99 -1.31 -7.71
CA ALA A 104 11.92 0.02 -7.09
C ALA A 104 13.32 0.60 -6.89
N MET A 105 14.33 -0.24 -6.89
CA MET A 105 15.69 0.24 -6.71
C MET A 105 16.45 0.52 -8.02
N ILE A 106 16.59 -0.50 -8.86
CA ILE A 106 17.46 -0.38 -10.02
C ILE A 106 16.68 -0.19 -11.32
N GLY A 107 15.37 -0.41 -11.26
CA GLY A 107 14.53 -0.21 -12.42
C GLY A 107 13.83 -1.48 -12.88
N ASN A 108 12.65 -1.30 -13.46
CA ASN A 108 11.81 -2.41 -13.82
C ASN A 108 12.31 -3.17 -15.04
N ARG A 109 12.84 -2.43 -16.01
CA ARG A 109 13.15 -3.00 -17.31
C ARG A 109 14.34 -3.96 -17.22
N ALA A 110 15.16 -3.80 -16.18
CA ALA A 110 16.31 -4.69 -15.96
C ALA A 110 15.89 -6.11 -15.55
N GLY A 111 14.64 -6.25 -15.13
CA GLY A 111 14.09 -7.55 -14.74
C GLY A 111 14.17 -8.63 -15.80
N VAL A 112 14.07 -8.24 -17.06
CA VAL A 112 14.14 -9.22 -18.13
C VAL A 112 15.52 -9.91 -18.14
N LYS A 113 16.57 -9.21 -17.69
CA LYS A 113 17.92 -9.78 -17.67
C LYS A 113 18.20 -10.71 -16.48
N ASN A 114 17.34 -10.67 -15.46
CA ASN A 114 17.50 -11.52 -14.30
C ASN A 114 16.82 -12.89 -14.51
N PRO A 115 17.59 -14.00 -14.36
CA PRO A 115 17.08 -15.35 -14.65
C PRO A 115 15.87 -15.75 -13.80
N ALA A 116 15.67 -15.10 -12.68
CA ALA A 116 14.62 -15.53 -11.76
C ALA A 116 13.24 -15.01 -12.17
N THR A 117 13.21 -14.11 -13.15
CA THR A 117 11.95 -13.55 -13.60
C THR A 117 11.35 -14.32 -14.78
N ASP A 118 12.15 -15.19 -15.39
CA ASP A 118 11.72 -15.95 -16.57
C ASP A 118 11.27 -15.04 -17.71
N GLY A 119 12.09 -14.05 -18.05
CA GLY A 119 11.77 -13.13 -19.12
C GLY A 119 10.63 -12.16 -18.84
N LEU A 120 10.33 -11.91 -17.57
CA LEU A 120 9.36 -10.89 -17.20
C LEU A 120 10.09 -9.69 -16.61
N THR A 121 9.50 -8.50 -16.70
CA THR A 121 10.02 -7.37 -15.95
C THR A 121 9.86 -7.68 -14.45
N PHE A 122 10.59 -6.99 -13.59
CA PHE A 122 10.50 -7.26 -12.16
C PHE A 122 9.06 -7.08 -11.64
N LEU A 123 8.40 -6.01 -12.06
CA LEU A 123 7.06 -5.74 -11.57
C LEU A 123 6.08 -6.78 -12.10
N ASP A 124 6.22 -7.16 -13.36
CA ASP A 124 5.36 -8.21 -13.91
C ASP A 124 5.50 -9.50 -13.11
N LYS A 125 6.73 -9.87 -12.75
CA LYS A 125 6.95 -11.09 -11.97
C LYS A 125 6.31 -10.99 -10.59
N ALA A 126 6.55 -9.84 -9.93
CA ALA A 126 5.99 -9.63 -8.60
C ALA A 126 4.46 -9.72 -8.67
N ALA A 127 3.85 -9.05 -9.63
CA ALA A 127 2.39 -9.04 -9.78
C ALA A 127 1.87 -10.43 -10.12
N SER A 128 2.64 -11.20 -10.87
CA SER A 128 2.24 -12.56 -11.24
C SER A 128 2.13 -13.40 -9.98
N LEU A 129 2.95 -13.06 -8.97
CA LEU A 129 2.87 -13.74 -7.67
C LEU A 129 1.98 -13.05 -6.63
N GLY A 130 1.12 -12.12 -7.06
CA GLY A 130 0.18 -11.50 -6.14
C GLY A 130 0.64 -10.29 -5.33
N ASN A 131 1.87 -9.82 -5.52
CA ASN A 131 2.45 -8.71 -4.73
C ASN A 131 1.59 -7.43 -4.84
N PRO A 132 0.97 -6.97 -3.74
CA PRO A 132 0.09 -5.81 -3.91
C PRO A 132 0.74 -4.49 -4.39
N PRO A 133 1.96 -4.13 -3.93
CA PRO A 133 2.59 -2.92 -4.48
C PRO A 133 2.78 -2.96 -6.00
N ALA A 134 3.30 -4.07 -6.52
CA ALA A 134 3.48 -4.21 -7.97
C ALA A 134 2.15 -4.14 -8.73
N LEU A 135 1.13 -4.79 -8.18
CA LEU A 135 -0.21 -4.80 -8.78
C LEU A 135 -0.74 -3.39 -8.84
N THR A 136 -0.49 -2.62 -7.78
CA THR A 136 -1.01 -1.24 -7.68
C THR A 136 -0.30 -0.32 -8.69
N GLU A 137 1.02 -0.44 -8.78
CA GLU A 137 1.81 0.35 -9.73
C GLU A 137 1.49 0.03 -11.20
N LEU A 138 1.43 -1.26 -11.55
CA LEU A 138 1.05 -1.62 -12.90
C LEU A 138 -0.39 -1.21 -13.22
N GLY A 139 -1.29 -1.36 -12.25
CA GLY A 139 -2.67 -0.95 -12.48
C GLY A 139 -2.74 0.52 -12.80
N ARG A 140 -1.93 1.29 -12.07
CA ARG A 140 -1.88 2.72 -12.29
C ARG A 140 -1.39 3.06 -13.70
N LEU A 141 -0.34 2.37 -14.13
CA LEU A 141 0.14 2.57 -15.51
C LEU A 141 -0.93 2.21 -16.55
N TYR A 142 -1.63 1.09 -16.36
CA TYR A 142 -2.67 0.71 -17.32
C TYR A 142 -3.81 1.71 -17.39
N ILE A 143 -4.23 2.23 -16.24
CA ILE A 143 -5.34 3.19 -16.25
C ILE A 143 -4.91 4.50 -16.90
N TYR A 144 -3.83 5.08 -16.41
CA TYR A 144 -3.54 6.46 -16.81
C TYR A 144 -2.61 6.62 -18.01
N VAL A 145 -1.77 5.63 -18.29
CA VAL A 145 -0.85 5.79 -19.43
C VAL A 145 -1.35 5.00 -20.64
N ALA A 146 -1.71 3.74 -20.43
CA ALA A 146 -2.18 2.90 -21.55
C ALA A 146 -3.66 3.12 -21.94
N GLY A 147 -4.42 3.76 -21.07
CA GLY A 147 -5.83 3.97 -21.33
C GLY A 147 -6.70 2.73 -21.18
N GLN A 148 -6.12 1.69 -20.60
CA GLN A 148 -6.85 0.45 -20.37
C GLN A 148 -7.46 0.41 -18.98
N ASP A 149 -8.53 1.19 -18.80
CA ASP A 149 -9.15 1.41 -17.49
C ASP A 149 -9.58 0.09 -16.85
N GLU A 150 -10.30 -0.74 -17.60
CA GLU A 150 -10.88 -1.93 -16.98
C GLU A 150 -9.81 -2.90 -16.50
N LEU A 151 -8.78 -3.11 -17.30
CA LEU A 151 -7.66 -3.98 -16.91
C LEU A 151 -6.91 -3.43 -15.70
N GLY A 152 -6.62 -2.12 -15.72
CA GLY A 152 -5.90 -1.50 -14.62
C GLY A 152 -6.71 -1.60 -13.34
N LEU A 153 -8.02 -1.43 -13.47
CA LEU A 153 -8.91 -1.60 -12.32
C LEU A 153 -8.86 -3.05 -11.80
N LYS A 154 -8.75 -4.03 -12.68
CA LYS A 154 -8.60 -5.43 -12.23
C LYS A 154 -7.32 -5.60 -11.41
N TYR A 155 -6.21 -5.10 -11.92
CA TYR A 155 -4.94 -5.12 -11.14
C TYR A 155 -5.10 -4.49 -9.74
N THR A 156 -5.66 -3.29 -9.74
CA THR A 156 -5.80 -2.49 -8.53
C THR A 156 -6.71 -3.16 -7.52
N ASN A 157 -7.86 -3.67 -7.98
CA ASN A 157 -8.76 -4.40 -7.11
C ASN A 157 -8.17 -5.71 -6.60
N CYS A 158 -7.27 -6.31 -7.36
CA CYS A 158 -6.58 -7.50 -6.89
C CYS A 158 -5.70 -7.16 -5.70
N ALA A 159 -5.08 -5.98 -5.76
CA ALA A 159 -4.27 -5.53 -4.62
C ALA A 159 -5.15 -5.08 -3.44
N ALA A 160 -6.21 -4.33 -3.74
CA ALA A 160 -7.11 -3.82 -2.70
C ALA A 160 -7.75 -4.98 -1.93
N GLY A 161 -8.19 -6.00 -2.66
CA GLY A 161 -8.77 -7.19 -2.08
C GLY A 161 -7.90 -7.88 -1.05
N GLN A 162 -6.59 -7.66 -1.13
CA GLN A 162 -5.66 -8.24 -0.17
C GLN A 162 -5.38 -7.27 0.99
N GLY A 163 -6.15 -6.19 1.07
CA GLY A 163 -6.08 -5.28 2.19
C GLY A 163 -4.99 -4.23 2.07
N TYR A 164 -4.59 -3.93 0.84
CA TYR A 164 -3.49 -3.01 0.57
C TYR A 164 -4.02 -1.57 0.44
N ALA A 165 -3.80 -0.77 1.48
CA ALA A 165 -4.43 0.57 1.58
C ALA A 165 -4.17 1.50 0.38
N PRO A 166 -2.92 1.59 -0.11
CA PRO A 166 -2.67 2.47 -1.26
C PRO A 166 -3.49 2.12 -2.48
N ALA A 167 -3.85 0.83 -2.63
CA ALA A 167 -4.70 0.43 -3.74
C ALA A 167 -6.11 0.98 -3.55
N ASN A 168 -6.59 0.99 -2.31
CA ASN A 168 -7.89 1.60 -2.03
C ASN A 168 -7.86 3.12 -2.29
N TYR A 169 -6.74 3.75 -1.98
CA TYR A 169 -6.58 5.16 -2.35
C TYR A 169 -6.63 5.35 -3.88
N GLU A 170 -5.97 4.48 -4.64
CA GLU A 170 -6.04 4.58 -6.11
C GLU A 170 -7.48 4.39 -6.64
N LEU A 171 -8.22 3.44 -6.08
CA LEU A 171 -9.63 3.28 -6.47
C LEU A 171 -10.45 4.53 -6.17
N ALA A 172 -10.24 5.08 -4.99
CA ALA A 172 -10.92 6.34 -4.62
C ALA A 172 -10.65 7.45 -5.65
N MET A 173 -9.39 7.62 -6.02
CA MET A 173 -9.04 8.67 -6.97
C MET A 173 -9.65 8.40 -8.35
N TYR A 174 -9.67 7.13 -8.74
CA TYR A 174 -10.31 6.81 -10.01
C TYR A 174 -11.78 7.20 -10.01
N TYR A 175 -12.51 6.79 -8.99
CA TYR A 175 -13.97 6.98 -8.99
C TYR A 175 -14.32 8.44 -8.75
N ARG A 176 -13.42 9.17 -8.12
CA ARG A 176 -13.62 10.61 -7.97
C ARG A 176 -13.34 11.39 -9.25
N LEU A 177 -12.18 11.17 -9.85
CA LEU A 177 -11.72 12.00 -10.97
C LEU A 177 -12.11 11.47 -12.34
N VAL A 178 -12.30 10.17 -12.49
CA VAL A 178 -12.60 9.63 -13.82
C VAL A 178 -14.07 9.29 -13.99
N ALA A 179 -14.60 8.51 -13.05
CA ALA A 179 -15.99 8.02 -13.12
C ALA A 179 -17.00 8.99 -12.54
N HIS A 180 -16.53 9.85 -11.63
CA HIS A 180 -17.40 10.83 -10.96
C HIS A 180 -18.51 10.14 -10.18
N ASN A 181 -18.19 9.01 -9.56
CA ASN A 181 -19.10 8.35 -8.66
C ASN A 181 -18.68 8.68 -7.22
N TYR A 182 -19.25 9.75 -6.67
CA TYR A 182 -18.68 10.31 -5.44
C TYR A 182 -18.94 9.45 -4.19
N PRO A 183 -20.14 8.88 -4.04
CA PRO A 183 -20.28 7.98 -2.86
C PRO A 183 -19.35 6.76 -2.91
N LYS A 184 -19.16 6.19 -4.09
CA LYS A 184 -18.20 5.09 -4.26
C LYS A 184 -16.78 5.53 -3.88
N ALA A 185 -16.37 6.66 -4.44
CA ALA A 185 -15.06 7.21 -4.16
C ALA A 185 -14.88 7.44 -2.67
N ALA A 186 -15.89 8.03 -2.03
CA ALA A 186 -15.82 8.30 -0.59
C ALA A 186 -15.71 6.99 0.21
N GLY A 187 -16.42 5.96 -0.22
CA GLY A 187 -16.29 4.68 0.46
C GLY A 187 -14.85 4.19 0.39
N TYR A 188 -14.22 4.36 -0.77
CA TYR A 188 -12.82 3.92 -0.89
C TYR A 188 -11.82 4.81 -0.11
N TYR A 189 -12.03 6.12 -0.10
CA TYR A 189 -11.18 7.01 0.71
C TYR A 189 -11.28 6.59 2.18
N LEU A 190 -12.49 6.37 2.66
CA LEU A 190 -12.67 6.02 4.08
C LEU A 190 -12.03 4.69 4.39
N LEU A 191 -12.16 3.73 3.48
CA LEU A 191 -11.51 2.41 3.65
C LEU A 191 -9.97 2.55 3.72
N ALA A 192 -9.37 3.26 2.77
CA ALA A 192 -7.94 3.48 2.82
C ALA A 192 -7.52 4.17 4.13
N ALA A 193 -8.24 5.21 4.52
CA ALA A 193 -7.89 5.95 5.73
C ALA A 193 -7.95 5.03 6.96
N SER A 194 -8.99 4.20 7.03
CA SER A 194 -9.16 3.27 8.15
C SER A 194 -8.00 2.28 8.22
N GLN A 195 -7.42 1.97 7.06
CA GLN A 195 -6.29 1.06 6.97
C GLN A 195 -4.96 1.81 7.09
N GLY A 196 -5.01 3.09 7.45
CA GLY A 196 -3.79 3.85 7.73
C GLY A 196 -3.21 4.68 6.60
N ASN A 197 -3.96 4.90 5.53
CA ASN A 197 -3.43 5.65 4.41
C ASN A 197 -3.50 7.16 4.61
N ASP A 198 -2.34 7.80 4.69
CA ASP A 198 -2.23 9.24 4.95
C ASP A 198 -2.89 10.12 3.88
N ASP A 199 -2.65 9.81 2.61
CA ASP A 199 -3.24 10.57 1.52
C ASP A 199 -4.77 10.58 1.62
N ALA A 200 -5.33 9.40 1.91
CA ALA A 200 -6.77 9.24 1.99
C ALA A 200 -7.35 9.98 3.17
N ALA A 201 -6.69 9.87 4.33
CA ALA A 201 -7.16 10.57 5.52
C ALA A 201 -7.10 12.09 5.30
N PHE A 202 -6.02 12.54 4.69
CA PHE A 202 -5.90 13.95 4.35
C PHE A 202 -7.05 14.43 3.46
N PHE A 203 -7.32 13.70 2.38
CA PHE A 203 -8.44 14.11 1.54
C PHE A 203 -9.77 14.13 2.32
N MET A 204 -10.03 13.09 3.10
CA MET A 204 -11.30 13.04 3.84
C MET A 204 -11.43 14.18 4.85
N SER A 205 -10.31 14.71 5.34
CA SER A 205 -10.39 15.79 6.32
C SER A 205 -10.95 17.08 5.70
N GLY A 206 -11.03 17.12 4.37
CA GLY A 206 -11.53 18.30 3.70
C GLY A 206 -12.93 18.16 3.12
N VAL A 207 -13.42 16.93 3.05
CA VAL A 207 -14.67 16.67 2.36
C VAL A 207 -15.91 17.31 3.01
N PHE A 208 -15.95 17.36 4.34
CA PHE A 208 -17.15 17.88 5.01
C PHE A 208 -16.91 19.28 5.61
N ASP A 209 -15.77 19.87 5.26
CA ASP A 209 -15.40 21.22 5.67
C ASP A 209 -16.19 22.26 4.88
N LYS A 210 -16.88 23.17 5.57
CA LYS A 210 -17.71 24.15 4.88
C LYS A 210 -16.87 25.18 4.11
N THR A 211 -15.59 25.27 4.43
CA THR A 211 -14.71 26.18 3.70
C THR A 211 -14.06 25.54 2.47
N SER A 212 -14.35 24.26 2.22
CA SER A 212 -13.84 23.59 1.02
C SER A 212 -14.71 23.91 -0.18
N PRO A 213 -14.09 24.17 -1.34
CA PRO A 213 -14.86 24.30 -2.58
C PRO A 213 -15.62 23.03 -2.89
N ASP A 214 -16.66 23.11 -3.74
CA ASP A 214 -17.50 21.96 -4.05
C ASP A 214 -16.71 20.72 -4.50
N VAL A 215 -15.70 20.90 -5.34
CA VAL A 215 -14.97 19.76 -5.89
C VAL A 215 -14.18 19.04 -4.77
N ASP A 216 -13.61 19.81 -3.83
CA ASP A 216 -12.92 19.22 -2.66
C ASP A 216 -13.89 18.39 -1.81
N ARG A 217 -15.16 18.76 -1.82
CA ARG A 217 -16.18 18.04 -1.04
C ARG A 217 -16.83 16.94 -1.86
N MET A 218 -16.42 16.80 -3.13
CA MET A 218 -17.08 15.90 -4.08
C MET A 218 -18.58 16.19 -4.12
N TRP A 219 -18.91 17.47 -3.90
CA TRP A 219 -20.27 18.01 -3.86
C TRP A 219 -21.16 17.44 -2.75
N TYR A 220 -20.56 16.83 -1.73
CA TYR A 220 -21.28 16.55 -0.48
C TYR A 220 -21.64 17.86 0.22
N ALA A 221 -22.71 17.86 1.01
CA ALA A 221 -23.01 19.01 1.87
C ALA A 221 -22.05 19.01 3.04
N PRO A 222 -21.56 20.19 3.44
CA PRO A 222 -20.69 20.30 4.62
C PRO A 222 -21.36 19.74 5.90
N ASP A 223 -20.56 19.24 6.85
CA ASP A 223 -21.06 18.61 8.07
C ASP A 223 -20.05 18.79 9.19
N GLU A 224 -20.41 19.62 10.18
CA GLU A 224 -19.53 20.00 11.28
C GLU A 224 -18.97 18.79 12.05
N LYS A 225 -19.85 17.85 12.40
CA LYS A 225 -19.47 16.65 13.12
C LYS A 225 -18.42 15.85 12.37
N LEU A 226 -18.72 15.59 11.10
CA LEU A 226 -17.84 14.78 10.27
C LEU A 226 -16.53 15.50 10.00
N HIS A 227 -16.56 16.82 9.84
CA HIS A 227 -15.31 17.57 9.66
C HIS A 227 -14.43 17.40 10.89
N LYS A 228 -15.00 17.57 12.08
CA LYS A 228 -14.19 17.43 13.28
C LYS A 228 -13.63 16.00 13.40
N LEU A 229 -14.47 15.03 13.12
CA LEU A 229 -14.05 13.62 13.13
C LEU A 229 -12.85 13.37 12.21
N TYR A 230 -12.99 13.67 10.93
CA TYR A 230 -11.95 13.30 9.96
C TYR A 230 -10.70 14.17 10.11
N ASP A 231 -10.88 15.42 10.55
CA ASP A 231 -9.73 16.26 10.88
C ASP A 231 -8.94 15.62 12.03
N GLY A 232 -9.66 15.08 13.02
CA GLY A 232 -9.03 14.41 14.14
C GLY A 232 -8.29 13.14 13.74
N ILE A 233 -8.95 12.34 12.90
CA ILE A 233 -8.36 11.11 12.35
C ILE A 233 -7.05 11.45 11.66
N TYR A 234 -7.11 12.44 10.77
CA TYR A 234 -5.91 12.82 10.05
C TYR A 234 -4.82 13.34 10.99
N ASP A 235 -5.22 14.11 12.00
CA ASP A 235 -4.26 14.63 12.97
C ASP A 235 -3.49 13.50 13.61
N GLN A 236 -4.22 12.50 14.11
CA GLN A 236 -3.59 11.35 14.77
C GLN A 236 -2.67 10.59 13.83
N LEU A 237 -3.20 10.24 12.65
CA LEU A 237 -2.49 9.40 11.71
C LEU A 237 -1.23 10.07 11.18
N ALA A 238 -1.28 11.39 11.02
CA ALA A 238 -0.15 12.12 10.47
C ALA A 238 1.06 12.07 11.41
N ALA A 239 0.79 11.98 12.71
CA ALA A 239 1.86 11.95 13.70
C ALA A 239 2.34 10.52 13.93
N ASP A 240 1.46 9.54 13.67
CA ASP A 240 1.76 8.14 13.91
C ASP A 240 1.17 7.24 12.83
N PRO A 241 1.96 6.97 11.78
CA PRO A 241 1.57 6.18 10.60
C PRO A 241 1.08 4.75 10.90
N ASP A 242 1.32 4.26 12.12
CA ASP A 242 0.94 2.89 12.48
C ASP A 242 -0.51 2.76 12.94
N LEU A 243 -1.20 3.88 13.15
CA LEU A 243 -2.56 3.84 13.66
C LEU A 243 -3.51 3.23 12.63
N ARG A 244 -4.53 2.53 13.12
CA ARG A 244 -5.59 1.99 12.28
C ARG A 244 -6.92 2.42 12.88
N PHE A 245 -7.98 2.39 12.10
CA PHE A 245 -9.27 2.83 12.62
C PHE A 245 -10.36 1.84 12.25
N PRO A 246 -10.33 0.65 12.86
CA PRO A 246 -11.17 -0.49 12.47
C PRO A 246 -12.65 -0.26 12.64
N ASN A 247 -13.05 0.75 13.40
CA ASN A 247 -14.48 0.98 13.65
C ASN A 247 -15.02 2.17 12.88
N LEU A 248 -14.14 2.87 12.17
CA LEU A 248 -14.47 4.17 11.59
C LEU A 248 -15.68 4.10 10.68
N ILE A 249 -15.70 3.13 9.77
CA ILE A 249 -16.72 3.12 8.74
C ILE A 249 -18.09 2.77 9.30
N LYS A 250 -18.13 1.83 10.24
CA LYS A 250 -19.41 1.36 10.72
C LYS A 250 -19.94 2.23 11.86
N ASP A 251 -19.03 2.90 12.56
CA ASP A 251 -19.44 3.84 13.60
C ASP A 251 -19.91 5.18 13.04
N HIS A 252 -19.51 5.49 11.80
CA HIS A 252 -19.88 6.77 11.21
C HIS A 252 -20.23 6.67 9.72
N PRO A 253 -21.37 6.04 9.40
CA PRO A 253 -21.78 5.89 7.99
C PRO A 253 -21.88 7.22 7.24
N LEU A 254 -21.62 7.17 5.94
CA LEU A 254 -21.65 8.37 5.11
C LEU A 254 -23.05 8.90 4.94
N PRO A 255 -23.19 10.22 5.03
CA PRO A 255 -24.48 10.81 4.69
C PRO A 255 -24.81 10.55 3.24
N PRO A 256 -26.09 10.67 2.86
CA PRO A 256 -26.44 10.58 1.44
C PRO A 256 -25.81 11.74 0.65
N HIS A 257 -25.40 11.47 -0.58
CA HIS A 257 -24.93 12.53 -1.45
C HIS A 257 -26.13 13.30 -1.98
N PRO A 258 -26.05 14.64 -2.01
CA PRO A 258 -27.17 15.52 -2.42
C PRO A 258 -27.78 15.17 -3.77
N THR A 259 -27.00 14.68 -4.73
CA THR A 259 -27.56 14.31 -6.02
C THR A 259 -27.30 12.85 -6.39
N GLN A 260 -26.27 12.23 -5.81
CA GLN A 260 -25.90 10.87 -6.20
C GLN A 260 -26.30 9.82 -5.18
N GLY A 261 -26.83 10.25 -4.04
CA GLY A 261 -27.31 9.32 -3.04
C GLY A 261 -26.23 8.49 -2.37
N TYR A 262 -26.31 7.17 -2.52
CA TYR A 262 -25.33 6.25 -1.96
C TYR A 262 -24.58 5.48 -3.05
N ASP A 263 -24.90 5.79 -4.31
CA ASP A 263 -24.22 5.22 -5.49
C ASP A 263 -24.70 6.00 -6.71
N ALA A 264 -23.79 6.65 -7.43
CA ALA A 264 -24.17 7.44 -8.60
C ALA A 264 -24.87 6.61 -9.68
N ASP A 265 -24.69 5.30 -9.66
CA ASP A 265 -25.34 4.42 -10.63
C ASP A 265 -26.75 4.07 -10.16
N ARG A 266 -26.97 4.14 -8.85
CA ARG A 266 -28.28 3.90 -8.25
C ARG A 266 -28.62 5.00 -7.25
N PRO A 267 -28.92 6.22 -7.75
CA PRO A 267 -29.13 7.40 -6.89
C PRO A 267 -30.22 7.20 -5.84
N ASP A 268 -31.11 6.24 -6.05
CA ASP A 268 -32.21 5.99 -5.12
C ASP A 268 -31.80 5.00 -4.02
#